data_5E92
#
_entry.id   5E92
#
_cell.length_a   62.760
_cell.length_b   75.480
_cell.length_c   77.870
_cell.angle_alpha   90.000
_cell.angle_beta   90.000
_cell.angle_gamma   90.000
#
_symmetry.space_group_name_H-M   'P 21 21 21'
#
loop_
_entity.id
_entity.type
_entity.pdbx_description
1 polymer 'TGF-beta receptor type-2'
2 non-polymer 'PHOSPHOAMINOPHOSPHONIC ACID-ADENYLATE ESTER'
3 non-polymer 'MAGNESIUM ION'
4 water water
#
_entity_poly.entity_id   1
_entity_poly.type   'polypeptide(L)'
_entity_poly.pdbx_seq_one_letter_code
;GHMHNTELLPIELDTLVGKGRFAEVYKAKLKQNTSEQFETVAVKIFPYEEYASWKTEKDIFSDINLKHENILQFLTAEER
KTELGKQYWLITAFHAKGNLQEYLTRHVISWEDLRKLGSSLARGIAHLHSDHTPCGRPKMPIVHRDLKSSNILVKNDLTC
CLCDFGLSLRLDPTLSVDDLANSGQVGTARYMAPEVLASAMNLENVESFKQTDVYSMALVLWEMTSRCNAVGEVKDYEPP
FGSKVREHPCVASMADNVLADAGRPEIPSFWLNHQGIQMVCETLTECWDHDPEARLTAQCVAERFSELEHLDRLSG
;
_entity_poly.pdbx_strand_id   A
#
# COMPACT_ATOMS: atom_id res chain seq x y z
N GLU A 7 30.42 -13.62 0.65
CA GLU A 7 29.20 -13.33 -0.12
C GLU A 7 28.24 -12.36 0.58
N LEU A 8 28.24 -12.30 1.94
CA LEU A 8 27.40 -11.37 2.70
C LEU A 8 27.94 -9.95 2.61
N LEU A 9 27.04 -8.99 2.45
CA LEU A 9 27.42 -7.57 2.31
C LEU A 9 27.92 -6.93 3.61
N PRO A 10 28.85 -5.95 3.53
CA PRO A 10 29.33 -5.30 4.76
C PRO A 10 28.31 -4.30 5.30
N ILE A 11 27.39 -4.83 6.14
CA ILE A 11 26.29 -4.05 6.72
C ILE A 11 26.41 -3.93 8.24
N GLU A 12 26.20 -2.71 8.75
CA GLU A 12 26.17 -2.43 10.17
C GLU A 12 24.80 -1.85 10.50
N LEU A 13 24.06 -2.50 11.41
CA LEU A 13 22.73 -2.08 11.82
C LEU A 13 22.84 -0.87 12.71
N ASP A 14 22.05 0.18 12.42
CA ASP A 14 22.10 1.41 13.21
C ASP A 14 20.90 1.59 14.13
N THR A 15 19.67 1.69 13.55
CA THR A 15 18.45 1.98 14.32
C THR A 15 17.20 1.22 13.84
N LEU A 16 16.36 0.78 14.80
CA LEU A 16 15.06 0.17 14.54
C LEU A 16 14.08 1.29 14.11
N VAL A 17 13.60 1.26 12.83
CA VAL A 17 12.67 2.28 12.27
C VAL A 17 11.23 1.77 12.09
N GLY A 18 11.08 0.47 11.95
CA GLY A 18 9.77 -0.14 11.76
C GLY A 18 9.69 -1.55 12.27
N LYS A 19 8.49 -1.94 12.68
CA LYS A 19 8.18 -3.25 13.21
C LYS A 19 6.71 -3.60 12.84
N GLY A 20 6.55 -4.53 11.91
CA GLY A 20 5.23 -4.97 11.49
C GLY A 20 4.89 -6.32 12.06
N ARG A 21 3.91 -7.01 11.44
CA ARG A 21 3.48 -8.33 11.90
C ARG A 21 4.49 -9.43 11.53
N PHE A 22 5.36 -9.20 10.51
CA PHE A 22 6.30 -10.22 10.04
C PHE A 22 7.79 -9.90 10.26
N ALA A 23 8.22 -8.64 10.09
CA ALA A 23 9.62 -8.27 10.24
C ALA A 23 9.91 -7.03 11.08
N GLU A 24 11.21 -6.74 11.29
CA GLU A 24 11.74 -5.53 11.90
C GLU A 24 12.55 -4.84 10.80
N VAL A 25 12.45 -3.54 10.70
CA VAL A 25 13.18 -2.80 9.67
C VAL A 25 14.17 -1.89 10.39
N TYR A 26 15.42 -1.88 9.92
CA TYR A 26 16.49 -1.09 10.50
C TYR A 26 17.08 -0.19 9.46
N LYS A 27 17.44 1.03 9.87
CA LYS A 27 18.23 1.94 9.06
C LYS A 27 19.64 1.36 9.28
N ALA A 28 20.43 1.20 8.20
CA ALA A 28 21.76 0.59 8.27
C ALA A 28 22.74 1.23 7.30
N LYS A 29 24.02 0.81 7.37
CA LYS A 29 25.11 1.31 6.50
C LYS A 29 25.74 0.17 5.72
N LEU A 30 25.97 0.38 4.42
CA LEU A 30 26.58 -0.58 3.49
C LEU A 30 27.98 -0.05 3.07
N LYS A 31 29.04 -0.68 3.60
CA LYS A 31 30.44 -0.31 3.35
C LYS A 31 30.96 -0.92 2.04
N PHE A 38 25.20 3.48 -2.74
CA PHE A 38 24.67 4.19 -1.57
C PHE A 38 25.14 3.57 -0.26
N GLU A 39 25.40 4.43 0.75
CA GLU A 39 25.84 4.00 2.08
C GLU A 39 24.64 3.65 2.94
N THR A 40 23.64 4.56 3.08
CA THR A 40 22.46 4.26 3.91
C THR A 40 21.49 3.33 3.17
N VAL A 41 21.10 2.22 3.84
CA VAL A 41 20.16 1.24 3.30
C VAL A 41 19.16 0.86 4.39
N ALA A 42 18.05 0.23 3.99
CA ALA A 42 17.07 -0.30 4.94
C ALA A 42 17.26 -1.82 4.95
N VAL A 43 17.17 -2.46 6.12
CA VAL A 43 17.28 -3.91 6.27
C VAL A 43 16.02 -4.45 6.93
N LYS A 44 15.26 -5.27 6.19
CA LYS A 44 14.04 -5.91 6.72
C LYS A 44 14.48 -7.31 7.18
N ILE A 45 14.38 -7.56 8.49
CA ILE A 45 14.85 -8.80 9.08
C ILE A 45 13.69 -9.62 9.53
N PHE A 46 13.65 -10.88 9.08
CA PHE A 46 12.60 -11.83 9.42
C PHE A 46 13.23 -12.97 10.24
N PRO A 47 12.58 -13.48 11.30
CA PRO A 47 13.14 -14.66 11.98
C PRO A 47 12.87 -15.88 11.07
N TYR A 48 13.45 -17.05 11.38
CA TYR A 48 13.23 -18.27 10.60
C TYR A 48 11.71 -18.57 10.51
N GLU A 49 10.93 -18.36 11.60
CA GLU A 49 9.48 -18.61 11.68
C GLU A 49 8.68 -17.90 10.57
N GLU A 50 9.19 -16.72 10.10
CA GLU A 50 8.56 -15.89 9.06
C GLU A 50 9.21 -16.05 7.68
N TYR A 51 9.85 -17.21 7.44
CA TYR A 51 10.51 -17.56 6.18
C TYR A 51 9.55 -17.40 4.98
N ALA A 52 8.29 -17.88 5.11
CA ALA A 52 7.32 -17.82 3.99
C ALA A 52 7.04 -16.36 3.58
N SER A 53 6.96 -15.43 4.57
CA SER A 53 6.74 -14.01 4.29
C SER A 53 7.93 -13.44 3.55
N TRP A 54 9.18 -13.76 3.99
CA TRP A 54 10.43 -13.31 3.36
C TRP A 54 10.52 -13.82 1.94
N LYS A 55 10.15 -15.10 1.73
CA LYS A 55 10.22 -15.71 0.40
C LYS A 55 9.17 -15.14 -0.55
N THR A 56 7.95 -14.86 -0.06
CA THR A 56 6.90 -14.23 -0.89
C THR A 56 7.39 -12.84 -1.39
N GLU A 57 7.96 -11.99 -0.49
N GLU A 57 7.96 -12.03 -0.49
CA GLU A 57 8.46 -10.64 -0.85
CA GLU A 57 8.45 -10.69 -0.79
C GLU A 57 9.64 -10.73 -1.78
C GLU A 57 9.67 -10.70 -1.70
N LYS A 58 10.60 -11.65 -1.46
CA LYS A 58 11.82 -11.84 -2.25
C LYS A 58 11.43 -12.27 -3.69
N ASP A 59 10.43 -13.15 -3.87
CA ASP A 59 9.97 -13.55 -5.20
C ASP A 59 9.38 -12.37 -5.99
N ILE A 60 8.52 -11.55 -5.33
CA ILE A 60 7.95 -10.34 -5.93
C ILE A 60 9.09 -9.38 -6.34
N PHE A 61 10.02 -9.04 -5.42
CA PHE A 61 11.17 -8.15 -5.67
C PHE A 61 12.18 -8.65 -6.71
N SER A 62 12.31 -9.99 -6.84
CA SER A 62 13.23 -10.64 -7.79
C SER A 62 12.79 -10.51 -9.26
N ASP A 63 11.46 -10.42 -9.54
CA ASP A 63 10.90 -10.28 -10.89
C ASP A 63 11.42 -9.00 -11.54
N ILE A 64 12.00 -9.14 -12.74
CA ILE A 64 12.61 -8.05 -13.52
C ILE A 64 11.59 -6.99 -13.97
N ASN A 65 10.31 -7.40 -14.10
CA ASN A 65 9.19 -6.57 -14.53
C ASN A 65 8.58 -5.71 -13.42
N LEU A 66 9.01 -5.91 -12.16
CA LEU A 66 8.49 -5.16 -11.04
C LEU A 66 9.09 -3.75 -10.96
N LYS A 67 10.40 -3.60 -11.26
CA LYS A 67 11.17 -2.34 -11.24
C LYS A 67 10.33 -1.16 -11.71
N HIS A 68 10.12 -0.17 -10.82
CA HIS A 68 9.33 1.02 -11.10
C HIS A 68 9.70 2.09 -10.09
N GLU A 69 9.70 3.38 -10.47
CA GLU A 69 10.03 4.47 -9.55
C GLU A 69 9.09 4.52 -8.33
N ASN A 70 7.84 4.04 -8.46
CA ASN A 70 6.88 4.07 -7.37
C ASN A 70 6.74 2.75 -6.65
N ILE A 71 7.78 1.90 -6.76
CA ILE A 71 7.90 0.62 -6.07
C ILE A 71 9.25 0.65 -5.38
N LEU A 72 9.30 0.27 -4.06
CA LEU A 72 10.57 0.25 -3.31
C LEU A 72 11.69 -0.47 -4.07
N GLN A 73 12.85 0.20 -4.19
CA GLN A 73 14.02 -0.33 -4.89
C GLN A 73 14.73 -1.41 -4.05
N PHE A 74 14.82 -2.62 -4.60
CA PHE A 74 15.44 -3.78 -3.98
C PHE A 74 16.92 -3.91 -4.35
N LEU A 75 17.78 -4.17 -3.36
CA LEU A 75 19.21 -4.39 -3.60
C LEU A 75 19.48 -5.92 -3.60
N THR A 76 19.34 -6.61 -2.43
CA THR A 76 19.49 -8.08 -2.35
C THR A 76 18.79 -8.72 -1.14
N ALA A 77 18.64 -10.06 -1.19
CA ALA A 77 18.11 -10.91 -0.12
C ALA A 77 19.26 -11.77 0.37
N GLU A 78 19.40 -11.91 1.70
CA GLU A 78 20.49 -12.68 2.33
C GLU A 78 19.98 -13.58 3.47
N GLU A 79 20.78 -14.62 3.78
CA GLU A 79 20.55 -15.57 4.90
C GLU A 79 21.72 -15.36 5.85
N ARG A 80 21.42 -15.06 7.13
CA ARG A 80 22.43 -14.73 8.14
C ARG A 80 22.26 -15.56 9.40
N LYS A 81 23.32 -16.32 9.76
CA LYS A 81 23.34 -17.14 10.98
C LYS A 81 23.48 -16.23 12.20
N THR A 82 22.78 -16.57 13.29
CA THR A 82 22.80 -15.90 14.59
C THR A 82 23.03 -17.01 15.66
N GLU A 83 23.21 -16.63 16.94
CA GLU A 83 23.42 -17.60 18.03
C GLU A 83 22.13 -18.41 18.30
N LEU A 84 20.97 -17.74 18.24
CA LEU A 84 19.65 -18.35 18.45
C LEU A 84 19.01 -18.98 17.17
N GLY A 85 19.79 -19.06 16.08
CA GLY A 85 19.33 -19.65 14.83
C GLY A 85 19.82 -19.00 13.55
N LYS A 86 18.89 -18.53 12.72
CA LYS A 86 19.16 -17.88 11.43
C LYS A 86 18.10 -16.80 11.21
N GLN A 87 18.48 -15.76 10.48
CA GLN A 87 17.62 -14.65 10.11
C GLN A 87 17.65 -14.49 8.61
N TYR A 88 16.56 -13.95 8.05
CA TYR A 88 16.42 -13.73 6.62
C TYR A 88 16.21 -12.24 6.41
N TRP A 89 17.09 -11.67 5.61
CA TRP A 89 17.19 -10.23 5.34
C TRP A 89 16.79 -9.85 3.93
N LEU A 90 16.15 -8.67 3.79
CA LEU A 90 15.83 -8.03 2.51
C LEU A 90 16.46 -6.63 2.63
N ILE A 91 17.34 -6.31 1.70
CA ILE A 91 18.07 -5.04 1.72
C ILE A 91 17.57 -4.16 0.61
N THR A 92 17.04 -2.99 0.99
CA THR A 92 16.43 -2.05 0.05
C THR A 92 16.97 -0.64 0.26
N ALA A 93 16.53 0.29 -0.61
CA ALA A 93 16.83 1.72 -0.49
C ALA A 93 16.15 2.24 0.78
N PHE A 94 16.82 3.13 1.51
CA PHE A 94 16.24 3.69 2.73
C PHE A 94 15.56 5.03 2.39
N HIS A 95 14.31 5.23 2.87
CA HIS A 95 13.58 6.49 2.69
C HIS A 95 13.47 7.19 4.03
N ALA A 96 14.32 8.21 4.23
CA ALA A 96 14.44 8.93 5.53
C ALA A 96 13.13 9.47 6.08
N LYS A 97 12.22 9.93 5.18
CA LYS A 97 10.92 10.49 5.57
C LYS A 97 9.94 9.45 6.11
N GLY A 98 10.30 8.16 6.04
CA GLY A 98 9.52 7.06 6.59
C GLY A 98 8.19 6.80 5.92
N ASN A 99 7.30 6.06 6.63
CA ASN A 99 5.99 5.70 6.06
C ASN A 99 5.02 6.88 6.02
N LEU A 100 4.04 6.82 5.09
CA LEU A 100 3.08 7.87 4.85
C LEU A 100 2.21 8.22 6.05
N GLN A 101 1.83 7.21 6.86
CA GLN A 101 0.99 7.44 8.03
C GLN A 101 1.73 8.36 9.05
N GLU A 102 2.99 8.06 9.35
CA GLU A 102 3.84 8.85 10.27
C GLU A 102 4.09 10.24 9.67
N TYR A 103 4.28 10.32 8.34
CA TYR A 103 4.50 11.60 7.64
C TYR A 103 3.24 12.52 7.73
N LEU A 104 2.03 11.97 7.46
CA LEU A 104 0.77 12.72 7.54
C LEU A 104 0.44 13.12 8.99
N THR A 105 0.90 12.35 9.97
CA THR A 105 0.71 12.63 11.41
C THR A 105 1.51 13.87 11.83
N ARG A 106 2.70 14.09 11.25
CA ARG A 106 3.55 15.22 11.58
C ARG A 106 3.29 16.43 10.72
N HIS A 107 3.04 16.23 9.42
CA HIS A 107 2.89 17.32 8.47
C HIS A 107 1.51 17.55 7.90
N VAL A 108 1.26 18.83 7.56
CA VAL A 108 0.11 19.32 6.81
C VAL A 108 0.74 19.55 5.45
N ILE A 109 0.19 18.93 4.41
CA ILE A 109 0.74 18.99 3.06
C ILE A 109 0.07 20.04 2.21
N SER A 110 0.74 20.46 1.16
CA SER A 110 0.21 21.44 0.22
C SER A 110 -0.53 20.70 -0.89
N TRP A 111 -1.26 21.45 -1.74
CA TRP A 111 -1.96 20.93 -2.91
C TRP A 111 -0.96 20.23 -3.87
N GLU A 112 0.23 20.84 -4.09
CA GLU A 112 1.27 20.30 -4.96
C GLU A 112 1.74 18.93 -4.46
N ASP A 113 1.93 18.80 -3.12
CA ASP A 113 2.33 17.56 -2.45
C ASP A 113 1.24 16.50 -2.64
N LEU A 114 -0.03 16.86 -2.47
CA LEU A 114 -1.17 15.93 -2.65
C LEU A 114 -1.24 15.36 -4.09
N ARG A 115 -1.01 16.23 -5.10
CA ARG A 115 -1.01 15.82 -6.51
C ARG A 115 0.10 14.83 -6.77
N LYS A 116 1.30 15.08 -6.21
CA LYS A 116 2.49 14.23 -6.34
C LYS A 116 2.33 12.86 -5.66
N LEU A 117 1.91 12.86 -4.38
CA LEU A 117 1.72 11.62 -3.61
C LEU A 117 0.59 10.77 -4.19
N GLY A 118 -0.52 11.41 -4.52
CA GLY A 118 -1.72 10.81 -5.09
C GLY A 118 -1.47 10.17 -6.43
N SER A 119 -0.82 10.90 -7.38
CA SER A 119 -0.51 10.31 -8.69
C SER A 119 0.55 9.21 -8.63
N SER A 120 1.62 9.39 -7.82
CA SER A 120 2.67 8.37 -7.67
C SER A 120 2.11 7.11 -7.02
N LEU A 121 1.17 7.25 -6.07
CA LEU A 121 0.50 6.08 -5.47
C LEU A 121 -0.30 5.30 -6.57
N ALA A 122 -1.13 6.00 -7.37
CA ALA A 122 -1.95 5.41 -8.43
C ALA A 122 -1.08 4.75 -9.51
N ARG A 123 0.03 5.41 -9.90
CA ARG A 123 0.97 4.87 -10.88
C ARG A 123 1.63 3.55 -10.43
N GLY A 124 2.02 3.47 -9.14
CA GLY A 124 2.64 2.27 -8.57
C GLY A 124 1.70 1.08 -8.56
N ILE A 125 0.45 1.31 -8.12
CA ILE A 125 -0.61 0.28 -8.07
C ILE A 125 -0.98 -0.18 -9.50
N ALA A 126 -1.16 0.77 -10.43
CA ALA A 126 -1.45 0.50 -11.85
C ALA A 126 -0.34 -0.38 -12.44
N HIS A 127 0.96 -0.10 -12.09
CA HIS A 127 2.09 -0.92 -12.53
C HIS A 127 2.00 -2.36 -11.98
N LEU A 128 1.72 -2.50 -10.66
CA LEU A 128 1.56 -3.83 -10.06
C LEU A 128 0.46 -4.62 -10.77
N HIS A 129 -0.69 -3.97 -11.01
CA HIS A 129 -1.90 -4.57 -11.60
C HIS A 129 -1.78 -4.99 -13.06
N SER A 130 -0.95 -4.29 -13.82
CA SER A 130 -0.79 -4.46 -15.26
C SER A 130 -0.35 -5.87 -15.70
N ASP A 131 -0.99 -6.36 -16.77
CA ASP A 131 -0.66 -7.66 -17.37
C ASP A 131 0.43 -7.49 -18.45
N HIS A 132 1.04 -6.29 -18.52
CA HIS A 132 2.11 -6.02 -19.47
C HIS A 132 3.11 -4.96 -19.01
N THR A 133 4.35 -5.08 -19.49
CA THR A 133 5.43 -4.14 -19.20
C THR A 133 5.18 -2.82 -19.96
N PRO A 134 5.90 -1.71 -19.66
CA PRO A 134 5.70 -0.49 -20.46
C PRO A 134 6.00 -0.71 -21.95
N CYS A 135 7.01 -1.57 -22.26
CA CYS A 135 7.41 -1.91 -23.63
C CYS A 135 6.49 -2.94 -24.33
N GLY A 136 5.32 -3.22 -23.75
CA GLY A 136 4.30 -4.10 -24.32
C GLY A 136 4.34 -5.60 -24.06
N ARG A 137 5.42 -6.10 -23.44
CA ARG A 137 5.60 -7.54 -23.15
C ARG A 137 4.68 -8.08 -22.03
N PRO A 138 4.16 -9.32 -22.11
CA PRO A 138 3.32 -9.82 -21.01
C PRO A 138 4.06 -9.87 -19.67
N LYS A 139 3.34 -9.63 -18.57
CA LYS A 139 3.91 -9.71 -17.22
C LYS A 139 2.86 -10.19 -16.25
N MET A 140 3.27 -10.81 -15.13
CA MET A 140 2.24 -11.29 -14.21
C MET A 140 1.66 -10.17 -13.34
N PRO A 141 0.33 -9.98 -13.40
CA PRO A 141 -0.28 -8.98 -12.50
C PRO A 141 -0.05 -9.39 -11.05
N ILE A 142 0.15 -8.37 -10.21
CA ILE A 142 0.37 -8.53 -8.77
C ILE A 142 -0.65 -7.65 -8.05
N VAL A 143 -1.33 -8.22 -7.05
CA VAL A 143 -2.26 -7.51 -6.16
C VAL A 143 -1.52 -7.37 -4.81
N HIS A 144 -1.43 -6.14 -4.29
CA HIS A 144 -0.68 -5.87 -3.06
C HIS A 144 -1.32 -6.58 -1.87
N ARG A 145 -2.67 -6.47 -1.73
CA ARG A 145 -3.50 -7.09 -0.67
C ARG A 145 -3.32 -6.48 0.72
N ASP A 146 -2.39 -5.54 0.88
CA ASP A 146 -2.26 -4.88 2.19
C ASP A 146 -1.92 -3.41 2.00
N LEU A 147 -2.66 -2.72 1.10
CA LEU A 147 -2.44 -1.31 0.85
C LEU A 147 -2.99 -0.52 2.02
N LYS A 148 -2.14 0.35 2.60
CA LYS A 148 -2.44 1.19 3.74
C LYS A 148 -1.32 2.20 3.84
N SER A 149 -1.53 3.31 4.56
CA SER A 149 -0.53 4.38 4.63
C SER A 149 0.78 3.92 5.28
N SER A 150 0.75 2.95 6.22
CA SER A 150 1.98 2.43 6.80
C SER A 150 2.81 1.54 5.83
N ASN A 151 2.24 1.11 4.69
CA ASN A 151 2.94 0.30 3.67
C ASN A 151 3.33 1.15 2.45
N ILE A 152 3.43 2.48 2.67
CA ILE A 152 3.81 3.45 1.63
C ILE A 152 4.92 4.29 2.22
N LEU A 153 6.00 4.47 1.47
CA LEU A 153 7.13 5.25 1.91
C LEU A 153 7.16 6.59 1.20
N VAL A 154 7.56 7.64 1.91
CA VAL A 154 7.61 8.97 1.31
C VAL A 154 9.05 9.21 0.87
N LYS A 155 9.25 9.42 -0.43
CA LYS A 155 10.58 9.67 -0.98
C LYS A 155 10.91 11.14 -0.76
N ASN A 156 12.23 11.46 -0.78
CA ASN A 156 12.75 12.81 -0.56
C ASN A 156 12.11 13.86 -1.47
N ASP A 157 11.79 13.51 -2.74
CA ASP A 157 11.15 14.41 -3.72
C ASP A 157 9.63 14.56 -3.51
N LEU A 158 9.08 13.97 -2.42
CA LEU A 158 7.68 14.00 -2.04
C LEU A 158 6.76 13.20 -2.98
N THR A 159 7.29 12.14 -3.58
CA THR A 159 6.48 11.18 -4.33
C THR A 159 6.42 9.92 -3.41
N CYS A 160 5.57 8.95 -3.75
CA CYS A 160 5.32 7.67 -3.05
C CYS A 160 6.12 6.58 -3.66
N CYS A 161 6.27 5.51 -2.86
CA CYS A 161 6.66 4.20 -3.32
C CYS A 161 6.09 3.13 -2.38
N LEU A 162 5.50 2.11 -2.98
CA LEU A 162 4.87 0.96 -2.30
C LEU A 162 5.94 0.09 -1.72
N CYS A 163 5.71 -0.41 -0.49
CA CYS A 163 6.61 -1.34 0.16
C CYS A 163 5.75 -2.45 0.78
N ASP A 164 6.39 -3.46 1.41
CA ASP A 164 5.76 -4.59 2.13
C ASP A 164 4.90 -5.48 1.20
N PHE A 165 5.55 -6.46 0.58
CA PHE A 165 4.91 -7.38 -0.35
C PHE A 165 4.68 -8.78 0.24
N GLY A 166 4.76 -8.88 1.56
CA GLY A 166 4.63 -10.12 2.30
C GLY A 166 3.31 -10.86 2.16
N LEU A 167 2.22 -10.13 1.85
CA LEU A 167 0.88 -10.74 1.70
C LEU A 167 0.44 -10.65 0.25
N SER A 168 1.31 -10.12 -0.61
CA SER A 168 0.97 -9.93 -2.00
C SER A 168 0.77 -11.24 -2.75
N LEU A 169 -0.06 -11.19 -3.77
CA LEU A 169 -0.42 -12.32 -4.59
C LEU A 169 -0.17 -12.05 -6.05
N ARG A 170 0.66 -12.91 -6.63
CA ARG A 170 1.00 -12.99 -8.04
C ARG A 170 -0.25 -13.66 -8.65
N LEU A 171 -0.93 -12.99 -9.61
CA LEU A 171 -2.17 -13.54 -10.16
C LEU A 171 -1.90 -14.64 -11.19
N ASP A 172 -1.36 -15.78 -10.71
CA ASP A 172 -0.99 -16.93 -11.51
C ASP A 172 -2.22 -17.71 -11.99
N PRO A 173 -2.36 -17.97 -13.31
CA PRO A 173 -3.51 -18.77 -13.79
C PRO A 173 -3.63 -20.18 -13.17
N THR A 174 -2.54 -20.73 -12.59
CA THR A 174 -2.57 -22.07 -11.98
C THR A 174 -3.24 -22.08 -10.59
N LEU A 175 -3.51 -20.87 -10.01
CA LEU A 175 -4.13 -20.72 -8.68
C LEU A 175 -5.48 -21.42 -8.59
N SER A 176 -5.69 -22.17 -7.50
CA SER A 176 -6.93 -22.88 -7.26
C SER A 176 -7.87 -22.02 -6.44
N VAL A 177 -9.17 -22.08 -6.77
CA VAL A 177 -10.23 -21.35 -6.06
C VAL A 177 -10.28 -21.78 -4.58
N ASP A 178 -10.07 -23.09 -4.31
CA ASP A 178 -10.04 -23.68 -2.97
C ASP A 178 -8.77 -23.27 -2.20
N ASP A 179 -7.66 -23.02 -2.94
CA ASP A 179 -6.37 -22.58 -2.38
C ASP A 179 -6.41 -21.07 -2.03
N LEU A 180 -7.33 -20.32 -2.67
CA LEU A 180 -7.56 -18.89 -2.43
C LEU A 180 -8.57 -18.74 -1.30
N ALA A 181 -9.58 -19.62 -1.24
CA ALA A 181 -10.65 -19.63 -0.22
C ALA A 181 -10.13 -19.66 1.22
N ASN A 182 -8.92 -20.22 1.45
CA ASN A 182 -8.27 -20.28 2.76
C ASN A 182 -6.75 -20.57 2.63
N SER A 183 -5.81 -19.57 2.70
CA SER A 183 -5.79 -18.10 2.81
C SER A 183 -6.86 -17.42 3.72
N GLY A 184 -8.07 -17.18 3.20
CA GLY A 184 -9.15 -16.51 3.92
C GLY A 184 -9.07 -15.01 3.76
N GLN A 185 -9.44 -14.26 4.81
CA GLN A 185 -9.38 -12.80 4.75
C GLN A 185 -7.96 -12.33 5.06
N VAL A 186 -7.25 -11.84 4.02
CA VAL A 186 -5.87 -11.39 4.21
C VAL A 186 -5.79 -9.87 4.05
N GLY A 187 -4.92 -9.26 4.86
CA GLY A 187 -4.66 -7.84 4.87
C GLY A 187 -4.80 -7.28 6.26
N THR A 188 -5.19 -6.01 6.35
CA THR A 188 -5.42 -5.29 7.60
C THR A 188 -6.91 -4.94 7.59
N ALA A 189 -7.67 -5.43 8.59
CA ALA A 189 -9.12 -5.23 8.74
C ALA A 189 -9.63 -3.80 8.46
N ARG A 190 -8.94 -2.77 8.99
CA ARG A 190 -9.30 -1.36 8.78
C ARG A 190 -9.40 -1.00 7.29
N TYR A 191 -8.58 -1.62 6.45
CA TYR A 191 -8.55 -1.27 5.03
C TYR A 191 -9.18 -2.30 4.12
N MET A 192 -9.85 -3.33 4.70
CA MET A 192 -10.47 -4.38 3.87
C MET A 192 -11.69 -3.89 3.14
N ALA A 193 -11.79 -4.20 1.83
CA ALA A 193 -12.91 -3.86 0.96
C ALA A 193 -14.22 -4.48 1.50
N PRO A 194 -15.42 -3.88 1.29
CA PRO A 194 -16.66 -4.49 1.82
C PRO A 194 -16.88 -5.94 1.40
N GLU A 195 -16.56 -6.29 0.13
CA GLU A 195 -16.70 -7.67 -0.37
C GLU A 195 -15.71 -8.64 0.31
N VAL A 196 -14.56 -8.13 0.83
CA VAL A 196 -13.57 -8.94 1.57
C VAL A 196 -14.18 -9.19 2.96
N LEU A 197 -14.72 -8.11 3.59
CA LEU A 197 -15.37 -8.21 4.92
C LEU A 197 -16.61 -9.10 4.87
N ALA A 198 -17.32 -9.11 3.74
CA ALA A 198 -18.54 -9.92 3.57
C ALA A 198 -18.25 -11.36 3.16
N SER A 199 -16.97 -11.69 2.80
CA SER A 199 -16.55 -12.98 2.24
C SER A 199 -17.45 -13.22 0.99
N ALA A 200 -17.59 -12.15 0.17
CA ALA A 200 -18.47 -12.16 -0.99
C ALA A 200 -17.73 -12.02 -2.30
N MET A 201 -16.42 -12.26 -2.30
CA MET A 201 -15.62 -12.15 -3.52
C MET A 201 -15.90 -13.31 -4.48
N ASN A 202 -15.87 -13.01 -5.78
CA ASN A 202 -16.00 -14.03 -6.81
C ASN A 202 -14.57 -14.53 -7.02
N LEU A 203 -14.26 -15.72 -6.49
CA LEU A 203 -12.92 -16.31 -6.53
C LEU A 203 -12.56 -16.84 -7.95
N GLU A 204 -12.99 -16.11 -9.00
CA GLU A 204 -12.75 -16.46 -10.40
C GLU A 204 -12.06 -15.33 -11.15
N ASN A 205 -12.77 -14.18 -11.39
CA ASN A 205 -12.20 -13.06 -12.14
C ASN A 205 -10.95 -12.46 -11.48
N VAL A 206 -9.93 -12.21 -12.32
CA VAL A 206 -8.63 -11.64 -11.96
C VAL A 206 -8.79 -10.22 -11.46
N GLU A 207 -9.72 -9.45 -12.07
CA GLU A 207 -9.99 -8.06 -11.70
C GLU A 207 -10.56 -7.92 -10.28
N SER A 208 -11.25 -8.97 -9.76
CA SER A 208 -11.86 -8.94 -8.45
C SER A 208 -10.82 -8.63 -7.34
N PHE A 209 -9.62 -9.25 -7.38
CA PHE A 209 -8.55 -8.93 -6.42
C PHE A 209 -8.00 -7.50 -6.66
N LYS A 210 -7.89 -7.06 -7.93
CA LYS A 210 -7.42 -5.70 -8.24
C LYS A 210 -8.38 -4.65 -7.67
N GLN A 211 -9.67 -4.94 -7.71
CA GLN A 211 -10.73 -4.06 -7.20
C GLN A 211 -10.64 -3.82 -5.68
N THR A 212 -10.16 -4.83 -4.91
CA THR A 212 -9.98 -4.71 -3.44
C THR A 212 -8.83 -3.75 -3.12
N ASP A 213 -7.78 -3.78 -3.95
CA ASP A 213 -6.63 -2.87 -3.84
C ASP A 213 -7.06 -1.42 -4.07
N VAL A 214 -7.95 -1.21 -5.06
CA VAL A 214 -8.48 0.11 -5.42
C VAL A 214 -9.30 0.71 -4.26
N TYR A 215 -10.10 -0.11 -3.56
CA TYR A 215 -10.84 0.37 -2.39
C TYR A 215 -9.84 0.86 -1.29
N SER A 216 -8.80 0.08 -1.01
CA SER A 216 -7.80 0.41 -0.01
C SER A 216 -7.06 1.68 -0.40
N MET A 217 -6.71 1.79 -1.70
CA MET A 217 -6.05 2.98 -2.26
C MET A 217 -6.92 4.22 -2.03
N ALA A 218 -8.27 4.08 -2.18
CA ALA A 218 -9.22 5.18 -1.96
C ALA A 218 -9.17 5.72 -0.52
N LEU A 219 -9.03 4.83 0.47
CA LEU A 219 -8.91 5.24 1.89
C LEU A 219 -7.59 6.01 2.08
N VAL A 220 -6.50 5.53 1.44
CA VAL A 220 -5.18 6.18 1.50
C VAL A 220 -5.25 7.58 0.90
N LEU A 221 -5.90 7.74 -0.25
CA LEU A 221 -6.10 9.04 -0.90
C LEU A 221 -6.92 9.97 0.00
N TRP A 222 -7.90 9.42 0.76
CA TRP A 222 -8.70 10.20 1.70
C TRP A 222 -7.77 10.72 2.82
N GLU A 223 -6.87 9.84 3.37
CA GLU A 223 -5.89 10.22 4.40
C GLU A 223 -5.02 11.38 3.92
N MET A 224 -4.52 11.31 2.68
CA MET A 224 -3.68 12.37 2.09
C MET A 224 -4.51 13.68 2.03
N THR A 225 -5.75 13.62 1.48
CA THR A 225 -6.66 14.76 1.31
C THR A 225 -6.98 15.43 2.66
N SER A 226 -7.26 14.61 3.71
CA SER A 226 -7.59 15.07 5.05
C SER A 226 -6.50 15.97 5.69
N ARG A 227 -5.27 15.91 5.14
CA ARG A 227 -4.14 16.67 5.67
C ARG A 227 -3.58 17.70 4.69
N CYS A 228 -4.34 17.99 3.64
CA CYS A 228 -3.96 18.96 2.63
C CYS A 228 -4.54 20.33 2.95
N ASN A 229 -3.68 21.37 3.08
CA ASN A 229 -4.05 22.75 3.43
C ASN A 229 -4.97 23.42 2.39
N ALA A 230 -5.08 22.85 1.17
CA ALA A 230 -5.99 23.34 0.12
C ALA A 230 -7.48 23.15 0.49
N VAL A 231 -7.79 22.35 1.53
CA VAL A 231 -9.17 22.14 2.00
C VAL A 231 -9.65 23.34 2.84
N GLY A 232 -8.70 24.08 3.39
CA GLY A 232 -8.93 25.19 4.29
C GLY A 232 -8.47 24.79 5.67
N GLU A 233 -9.44 24.57 6.57
CA GLU A 233 -9.18 24.16 7.97
C GLU A 233 -8.81 22.67 7.98
N VAL A 234 -7.63 22.34 8.55
CA VAL A 234 -7.09 20.98 8.63
C VAL A 234 -7.11 20.45 10.07
N LYS A 235 -7.75 19.28 10.25
CA LYS A 235 -7.81 18.59 11.55
C LYS A 235 -6.56 17.74 11.79
N ASP A 236 -6.35 17.30 13.04
CA ASP A 236 -5.28 16.38 13.37
C ASP A 236 -5.48 15.07 12.59
N TYR A 237 -4.38 14.43 12.19
CA TYR A 237 -4.46 13.18 11.43
C TYR A 237 -5.17 12.12 12.26
N GLU A 238 -6.06 11.37 11.62
CA GLU A 238 -6.74 10.21 12.19
C GLU A 238 -6.78 9.14 11.10
N PRO A 239 -6.53 7.84 11.41
CA PRO A 239 -6.61 6.82 10.35
C PRO A 239 -8.06 6.62 9.91
N PRO A 240 -8.36 5.99 8.72
CA PRO A 240 -9.78 5.79 8.34
C PRO A 240 -10.55 5.09 9.45
N PHE A 241 -11.79 5.52 9.75
CA PHE A 241 -12.69 4.96 10.81
C PHE A 241 -12.14 5.09 12.25
N GLY A 242 -11.16 6.00 12.44
CA GLY A 242 -10.51 6.24 13.73
C GLY A 242 -11.45 6.52 14.90
N SER A 243 -12.58 7.22 14.63
CA SER A 243 -13.60 7.59 15.62
C SER A 243 -14.73 6.54 15.78
N LYS A 244 -14.66 5.43 15.03
CA LYS A 244 -15.70 4.39 15.06
C LYS A 244 -15.23 3.08 15.68
N VAL A 245 -13.98 2.67 15.39
CA VAL A 245 -13.45 1.39 15.84
C VAL A 245 -12.26 1.54 16.78
N ARG A 246 -11.91 0.47 17.51
CA ARG A 246 -10.72 0.47 18.39
C ARG A 246 -9.43 0.44 17.54
N GLU A 247 -8.26 0.57 18.20
CA GLU A 247 -6.90 0.63 17.63
C GLU A 247 -6.58 -0.50 16.64
N HIS A 248 -6.85 -1.76 17.01
CA HIS A 248 -6.60 -2.93 16.15
C HIS A 248 -7.95 -3.60 15.94
N PRO A 249 -8.78 -3.05 15.00
CA PRO A 249 -10.15 -3.55 14.88
C PRO A 249 -10.26 -4.95 14.30
N CYS A 250 -11.27 -5.71 14.77
CA CYS A 250 -11.53 -7.03 14.23
C CYS A 250 -12.34 -6.86 12.95
N VAL A 251 -12.46 -7.96 12.17
CA VAL A 251 -13.21 -8.03 10.93
C VAL A 251 -14.71 -7.78 11.16
N ALA A 252 -15.29 -8.30 12.26
CA ALA A 252 -16.71 -8.09 12.58
C ALA A 252 -17.03 -6.60 12.82
N SER A 253 -16.20 -5.88 13.62
CA SER A 253 -16.46 -4.45 13.85
C SER A 253 -16.27 -3.63 12.55
N MET A 254 -15.36 -4.06 11.68
CA MET A 254 -15.16 -3.37 10.40
C MET A 254 -16.35 -3.62 9.46
N ALA A 255 -16.87 -4.87 9.43
CA ALA A 255 -18.05 -5.24 8.62
C ALA A 255 -19.26 -4.41 9.05
N ASP A 256 -19.43 -4.19 10.38
CA ASP A 256 -20.51 -3.39 10.94
C ASP A 256 -20.48 -1.95 10.41
N ASN A 257 -19.28 -1.36 10.26
CA ASN A 257 -19.16 0.00 9.74
C ASN A 257 -19.26 0.11 8.22
N VAL A 258 -18.34 -0.53 7.50
CA VAL A 258 -18.17 -0.47 6.04
C VAL A 258 -19.34 -1.09 5.26
N LEU A 259 -19.89 -2.20 5.76
CA LEU A 259 -20.94 -2.95 5.10
C LEU A 259 -22.31 -2.57 5.67
N ALA A 260 -22.65 -3.05 6.88
CA ALA A 260 -23.95 -2.79 7.52
C ALA A 260 -24.38 -1.32 7.57
N ASP A 261 -23.47 -0.43 8.00
CA ASP A 261 -23.76 1.00 8.10
C ASP A 261 -23.34 1.77 6.86
N ALA A 262 -22.80 1.08 5.81
CA ALA A 262 -22.30 1.69 4.55
C ALA A 262 -21.35 2.89 4.83
N GLY A 263 -20.61 2.81 5.92
CA GLY A 263 -19.72 3.85 6.39
C GLY A 263 -18.43 4.02 5.62
N ARG A 264 -18.02 5.26 5.45
CA ARG A 264 -16.80 5.66 4.77
C ARG A 264 -16.23 6.86 5.54
N PRO A 265 -14.91 7.18 5.45
CA PRO A 265 -14.41 8.38 6.12
C PRO A 265 -15.16 9.62 5.63
N GLU A 266 -15.39 10.57 6.54
CA GLU A 266 -16.16 11.78 6.28
C GLU A 266 -15.45 12.75 5.34
N ILE A 267 -16.18 13.25 4.34
CA ILE A 267 -15.72 14.29 3.44
C ILE A 267 -16.61 15.55 3.72
N PRO A 268 -16.12 16.53 4.52
CA PRO A 268 -16.96 17.73 4.77
C PRO A 268 -17.11 18.53 3.48
N SER A 269 -18.32 19.09 3.24
CA SER A 269 -18.63 19.85 2.01
C SER A 269 -17.70 21.04 1.75
N PHE A 270 -17.09 21.64 2.80
CA PHE A 270 -16.18 22.78 2.62
C PHE A 270 -14.89 22.42 1.87
N TRP A 271 -14.48 21.14 1.92
CA TRP A 271 -13.31 20.61 1.21
C TRP A 271 -13.47 20.80 -0.29
N LEU A 272 -14.71 20.63 -0.80
CA LEU A 272 -15.11 20.69 -2.20
C LEU A 272 -15.10 22.10 -2.84
N ASN A 273 -14.74 23.16 -2.08
CA ASN A 273 -14.67 24.53 -2.61
C ASN A 273 -13.48 24.72 -3.52
N HIS A 274 -12.37 24.01 -3.24
CA HIS A 274 -11.17 23.98 -4.08
C HIS A 274 -11.51 22.99 -5.20
N GLN A 275 -11.27 23.37 -6.47
CA GLN A 275 -11.56 22.55 -7.64
C GLN A 275 -10.76 21.22 -7.70
N GLY A 276 -9.48 21.29 -7.35
CA GLY A 276 -8.60 20.12 -7.31
C GLY A 276 -9.01 19.08 -6.29
N ILE A 277 -9.26 19.53 -5.04
CA ILE A 277 -9.73 18.70 -3.92
C ILE A 277 -11.05 18.02 -4.30
N GLN A 278 -11.98 18.80 -4.92
CA GLN A 278 -13.29 18.33 -5.38
C GLN A 278 -13.15 17.15 -6.36
N MET A 279 -12.23 17.26 -7.34
CA MET A 279 -11.94 16.23 -8.35
C MET A 279 -11.36 14.98 -7.64
N VAL A 280 -10.40 15.19 -6.69
CA VAL A 280 -9.75 14.13 -5.90
C VAL A 280 -10.82 13.36 -5.08
N CYS A 281 -11.72 14.11 -4.42
CA CYS A 281 -12.80 13.56 -3.61
C CYS A 281 -13.80 12.78 -4.43
N GLU A 282 -14.11 13.24 -5.65
CA GLU A 282 -15.03 12.56 -6.56
C GLU A 282 -14.41 11.25 -7.04
N THR A 283 -13.08 11.27 -7.32
CA THR A 283 -12.30 10.13 -7.78
C THR A 283 -12.24 9.03 -6.71
N LEU A 284 -11.90 9.39 -5.46
CA LEU A 284 -11.77 8.40 -4.39
C LEU A 284 -13.12 7.83 -3.95
N THR A 285 -14.19 8.66 -4.01
CA THR A 285 -15.57 8.24 -3.67
C THR A 285 -16.03 7.13 -4.62
N GLU A 286 -15.68 7.24 -5.90
CA GLU A 286 -15.97 6.22 -6.90
C GLU A 286 -15.17 4.94 -6.59
N CYS A 287 -13.90 5.11 -6.14
CA CYS A 287 -12.98 4.01 -5.83
C CYS A 287 -13.34 3.25 -4.58
N TRP A 288 -14.15 3.82 -3.69
CA TRP A 288 -14.53 3.08 -2.48
C TRP A 288 -15.99 2.63 -2.53
N ASP A 289 -16.57 2.62 -3.73
CA ASP A 289 -17.95 2.18 -3.97
C ASP A 289 -18.17 0.78 -3.41
N HIS A 290 -19.37 0.50 -2.88
CA HIS A 290 -19.72 -0.83 -2.37
C HIS A 290 -19.53 -1.89 -3.47
N ASP A 291 -19.93 -1.55 -4.69
CA ASP A 291 -19.86 -2.45 -5.83
C ASP A 291 -18.46 -2.39 -6.45
N PRO A 292 -17.66 -3.47 -6.36
CA PRO A 292 -16.31 -3.45 -6.96
C PRO A 292 -16.25 -3.06 -8.43
N GLU A 293 -17.33 -3.41 -9.19
CA GLU A 293 -17.43 -3.08 -10.62
C GLU A 293 -17.68 -1.59 -10.89
N ALA A 294 -18.21 -0.85 -9.90
CA ALA A 294 -18.42 0.60 -10.03
C ALA A 294 -17.12 1.40 -9.78
N ARG A 295 -16.08 0.77 -9.21
CA ARG A 295 -14.82 1.44 -8.88
C ARG A 295 -14.02 1.72 -10.13
N LEU A 296 -13.19 2.78 -10.09
CA LEU A 296 -12.28 3.08 -11.21
C LEU A 296 -11.10 2.11 -11.10
N THR A 297 -10.30 1.97 -12.16
CA THR A 297 -9.11 1.15 -12.08
C THR A 297 -8.01 2.11 -11.58
N ALA A 298 -6.86 1.56 -11.12
CA ALA A 298 -5.73 2.37 -10.69
C ALA A 298 -5.19 3.19 -11.88
N GLN A 299 -5.28 2.64 -13.11
CA GLN A 299 -4.87 3.32 -14.35
C GLN A 299 -5.74 4.56 -14.59
N CYS A 300 -7.08 4.46 -14.41
CA CYS A 300 -8.02 5.59 -14.53
C CYS A 300 -7.65 6.70 -13.57
N VAL A 301 -7.37 6.33 -12.30
CA VAL A 301 -7.01 7.28 -11.22
C VAL A 301 -5.73 8.01 -11.61
N ALA A 302 -4.70 7.29 -12.10
CA ALA A 302 -3.43 7.89 -12.51
C ALA A 302 -3.65 8.89 -13.66
N GLU A 303 -4.56 8.56 -14.60
CA GLU A 303 -4.94 9.41 -15.74
C GLU A 303 -5.65 10.69 -15.25
N ARG A 304 -6.57 10.56 -14.27
CA ARG A 304 -7.30 11.70 -13.66
C ARG A 304 -6.34 12.62 -12.92
N PHE A 305 -5.31 12.06 -12.26
CA PHE A 305 -4.29 12.85 -11.57
C PHE A 305 -3.37 13.59 -12.55
N SER A 306 -3.14 13.01 -13.76
CA SER A 306 -2.30 13.64 -14.78
C SER A 306 -3.01 14.83 -15.42
N GLU A 307 -4.36 14.80 -15.42
CA GLU A 307 -5.25 15.85 -15.92
C GLU A 307 -5.26 17.07 -15.00
N LEU A 308 -4.76 16.95 -13.75
CA LEU A 308 -4.76 18.02 -12.75
C LEU A 308 -3.73 19.15 -13.02
N GLU A 309 -3.72 19.67 -14.27
CA GLU A 309 -2.87 20.78 -14.72
C GLU A 309 -3.35 22.09 -14.07
N HIS A 310 -4.68 22.36 -14.17
CA HIS A 310 -5.32 23.54 -13.58
C HIS A 310 -6.62 23.16 -12.86
#